data_5L9O
#
_entry.id   5L9O
#
_cell.length_a   39.600
_cell.length_b   62.290
_cell.length_c   84.230
_cell.angle_alpha   90.00
_cell.angle_beta   101.40
_cell.angle_gamma   90.00
#
_symmetry.space_group_name_H-M   'P 1 21 1'
#
loop_
_entity.id
_entity.type
_entity.pdbx_description
1 polymer 'Deoxyfructosyl-amino Acid Transporter Periplasmic Binding Protein'
2 non-polymer Glucopine
3 non-polymer 1,2-ETHANEDIOL
4 non-polymer 'CALCIUM ION'
5 water water
#
_entity_poly.entity_id   1
_entity_poly.type   'polypeptide(L)'
_entity_poly.pdbx_seq_one_letter_code
;GSSHHHHHHSSGLVPRGSHMDNPLGLIDPTTISVGTMGDAKPYAFTTADGNFTGFDIELFLNVAGRLGFKKEQVVFTGQE
FSALMPSVANGRFDVAAAAIGTTAKRKETVDFSDGYLAGFLSVLTSEAGITDAAGLKGKRLGVVQGTLQEIYAEKNFAGT
DLVKFPDNNSAVSALNNGTVDAHFLDFEAAKDYSARYPALKIAVNIPSFDAPAGFVIRKGNDALRNALDKGLKEAMQDGT
WKKLHEKWFPGTPMPAAYLPKQHHHHHH
;
_entity_poly.pdbx_strand_id   A,B
#
loop_
_chem_comp.id
_chem_comp.type
_chem_comp.name
_chem_comp.formula
CA non-polymer 'CALCIUM ION' 'Ca 2'
EDO non-polymer 1,2-ETHANEDIOL 'C2 H6 O2'
GOP non-polymer Glucopine 'C11 H22 N2 O8'
#
# COMPACT_ATOMS: atom_id res chain seq x y z
N ASP A 21 8.39 22.13 8.67
CA ASP A 21 7.35 23.05 8.22
C ASP A 21 6.04 22.32 7.83
N ASN A 22 5.14 23.01 7.09
CA ASN A 22 3.83 22.50 6.69
C ASN A 22 3.54 22.93 5.22
N PRO A 23 4.17 22.26 4.21
CA PRO A 23 3.95 22.67 2.82
C PRO A 23 2.55 22.37 2.28
N LEU A 24 1.87 21.37 2.84
CA LEU A 24 0.52 20.97 2.40
C LEU A 24 -0.61 21.71 3.13
N GLY A 25 -0.25 22.55 4.11
CA GLY A 25 -1.18 23.35 4.89
C GLY A 25 -2.18 22.53 5.68
N LEU A 26 -1.71 21.46 6.33
CA LEU A 26 -2.53 20.56 7.13
C LEU A 26 -2.75 21.12 8.53
N ILE A 27 -3.81 20.64 9.23
CA ILE A 27 -4.11 21.02 10.63
C ILE A 27 -2.92 20.59 11.50
N ASP A 28 -2.37 19.40 11.21
CA ASP A 28 -1.21 18.80 11.85
C ASP A 28 -0.28 18.34 10.69
N PRO A 29 0.96 18.89 10.59
CA PRO A 29 1.85 18.52 9.48
C PRO A 29 2.26 17.04 9.37
N THR A 30 2.11 16.26 10.46
CA THR A 30 2.49 14.83 10.48
C THR A 30 1.33 13.88 10.14
N THR A 31 0.09 14.40 10.08
CA THR A 31 -1.11 13.60 9.85
C THR A 31 -2.07 14.24 8.85
N ILE A 32 -2.76 13.40 8.05
CA ILE A 32 -3.82 13.87 7.14
C ILE A 32 -5.14 13.45 7.77
N SER A 33 -5.98 14.43 8.12
CA SER A 33 -7.29 14.19 8.72
C SER A 33 -8.33 14.21 7.59
N VAL A 34 -8.97 13.04 7.34
CA VAL A 34 -9.94 12.85 6.26
C VAL A 34 -11.36 12.64 6.77
N GLY A 35 -12.27 13.45 6.28
CA GLY A 35 -13.70 13.35 6.54
C GLY A 35 -14.27 12.38 5.52
N THR A 36 -15.03 11.38 5.97
CA THR A 36 -15.58 10.37 5.08
C THR A 36 -16.94 9.90 5.60
N MET A 37 -17.44 8.76 5.09
CA MET A 37 -18.71 8.26 5.63
C MET A 37 -18.69 6.75 5.80
N GLY A 38 -19.45 6.29 6.80
CA GLY A 38 -19.48 4.87 7.16
C GLY A 38 -20.40 4.00 6.33
N ASP A 39 -21.37 4.62 5.61
CA ASP A 39 -22.37 3.82 4.86
C ASP A 39 -22.53 4.21 3.38
N ALA A 40 -21.42 4.35 2.66
CA ALA A 40 -21.50 4.55 1.22
C ALA A 40 -20.74 3.38 0.57
N LYS A 41 -20.99 2.14 1.08
CA LYS A 41 -20.35 0.91 0.58
C LYS A 41 -20.72 0.71 -0.91
N PRO A 42 -19.77 0.45 -1.84
CA PRO A 42 -18.32 0.21 -1.68
C PRO A 42 -17.38 1.38 -1.90
N TYR A 43 -17.91 2.64 -2.03
CA TYR A 43 -17.02 3.79 -2.18
C TYR A 43 -16.28 4.04 -0.87
N ALA A 44 -17.01 4.16 0.22
CA ALA A 44 -16.44 4.50 1.52
C ALA A 44 -17.36 3.92 2.58
N PHE A 45 -16.82 3.07 3.47
CA PHE A 45 -17.60 2.41 4.51
C PHE A 45 -16.74 1.85 5.62
N THR A 46 -17.39 1.46 6.71
CA THR A 46 -16.65 0.84 7.80
C THR A 46 -16.84 -0.66 7.71
N THR A 47 -15.79 -1.42 7.98
CA THR A 47 -15.93 -2.86 8.10
C THR A 47 -16.38 -3.08 9.55
N ALA A 48 -16.66 -4.33 9.94
CA ALA A 48 -17.15 -4.61 11.31
C ALA A 48 -16.18 -4.22 12.43
N ASP A 49 -14.86 -4.13 12.14
CA ASP A 49 -13.87 -3.69 13.13
C ASP A 49 -13.87 -2.16 13.34
N GLY A 50 -14.57 -1.45 12.46
CA GLY A 50 -14.69 0.01 12.49
C GLY A 50 -13.75 0.74 11.57
N ASN A 51 -12.83 0.02 10.93
CA ASN A 51 -11.89 0.63 9.99
C ASN A 51 -12.53 1.06 8.69
N PHE A 52 -12.14 2.24 8.19
CA PHE A 52 -12.68 2.76 6.95
C PHE A 52 -12.02 2.11 5.75
N THR A 53 -12.83 1.70 4.80
CA THR A 53 -12.38 1.02 3.59
C THR A 53 -13.27 1.39 2.39
N GLY A 54 -13.03 0.73 1.27
CA GLY A 54 -13.77 1.02 0.05
C GLY A 54 -12.87 1.64 -0.97
N PHE A 55 -13.35 1.75 -2.21
CA PHE A 55 -12.58 2.32 -3.31
C PHE A 55 -11.98 3.69 -3.02
N ASP A 56 -12.84 4.64 -2.60
CA ASP A 56 -12.41 6.00 -2.35
C ASP A 56 -11.35 6.11 -1.26
N ILE A 57 -11.46 5.27 -0.23
CA ILE A 57 -10.53 5.21 0.90
C ILE A 57 -9.20 4.62 0.46
N GLU A 58 -9.26 3.46 -0.24
CA GLU A 58 -8.06 2.80 -0.73
C GLU A 58 -7.34 3.64 -1.78
N LEU A 59 -8.10 4.38 -2.63
CA LEU A 59 -7.48 5.28 -3.62
C LEU A 59 -6.81 6.45 -2.91
N PHE A 60 -7.50 7.06 -1.93
CA PHE A 60 -6.91 8.18 -1.19
C PHE A 60 -5.66 7.74 -0.49
N LEU A 61 -5.71 6.59 0.23
CA LEU A 61 -4.54 6.05 0.92
C LEU A 61 -3.35 5.88 -0.01
N ASN A 62 -3.61 5.39 -1.25
CA ASN A 62 -2.55 5.19 -2.25
C ASN A 62 -1.93 6.50 -2.70
N VAL A 63 -2.77 7.52 -2.90
CA VAL A 63 -2.40 8.87 -3.29
C VAL A 63 -1.64 9.52 -2.14
N ALA A 64 -2.14 9.39 -0.88
CA ALA A 64 -1.46 9.91 0.33
C ALA A 64 -0.04 9.34 0.49
N GLY A 65 0.16 8.06 0.15
CA GLY A 65 1.47 7.40 0.19
C GLY A 65 2.47 8.03 -0.77
N ARG A 66 1.98 8.48 -1.94
CA ARG A 66 2.77 9.15 -2.99
C ARG A 66 3.19 10.55 -2.53
N LEU A 67 2.39 11.16 -1.62
CA LEU A 67 2.61 12.46 -0.96
C LEU A 67 3.59 12.34 0.22
N GLY A 68 3.96 11.10 0.58
CA GLY A 68 4.89 10.77 1.66
C GLY A 68 4.23 10.45 3.00
N PHE A 69 2.96 10.06 2.97
CA PHE A 69 2.14 9.75 4.16
C PHE A 69 1.74 8.27 4.19
N LYS A 70 2.21 7.55 5.19
CA LYS A 70 1.90 6.13 5.40
C LYS A 70 0.48 6.00 5.91
N LYS A 71 -0.10 4.77 5.86
CA LYS A 71 -1.48 4.48 6.30
C LYS A 71 -1.76 4.98 7.72
N GLU A 72 -0.79 4.76 8.65
CA GLU A 72 -0.83 5.15 10.06
C GLU A 72 -0.89 6.67 10.25
N GLN A 73 -0.52 7.45 9.20
CA GLN A 73 -0.52 8.92 9.20
C GLN A 73 -1.83 9.51 8.65
N VAL A 74 -2.77 8.66 8.22
CA VAL A 74 -4.04 9.10 7.66
C VAL A 74 -5.15 8.66 8.61
N VAL A 75 -5.94 9.63 9.08
CA VAL A 75 -7.00 9.40 10.03
C VAL A 75 -8.33 9.67 9.35
N PHE A 76 -9.25 8.70 9.40
CA PHE A 76 -10.56 8.82 8.77
C PHE A 76 -11.66 8.98 9.82
N THR A 77 -12.50 10.03 9.65
CA THR A 77 -13.63 10.30 10.55
C THR A 77 -14.90 10.17 9.75
N GLY A 78 -15.82 9.39 10.27
CA GLY A 78 -17.11 9.18 9.64
C GLY A 78 -18.10 10.26 10.00
N GLN A 79 -18.68 10.90 8.98
CA GLN A 79 -19.70 11.94 9.15
C GLN A 79 -20.86 11.71 8.19
N GLU A 80 -22.02 12.34 8.48
CA GLU A 80 -23.14 12.28 7.56
C GLU A 80 -22.73 13.08 6.35
N PHE A 81 -23.19 12.70 5.16
CA PHE A 81 -22.77 13.36 3.92
C PHE A 81 -22.87 14.89 3.99
N SER A 82 -24.03 15.43 4.45
CA SER A 82 -24.28 16.88 4.56
C SER A 82 -23.24 17.66 5.40
N ALA A 83 -22.52 16.95 6.30
CA ALA A 83 -21.54 17.57 7.19
C ALA A 83 -20.12 17.67 6.62
N LEU A 84 -19.81 16.91 5.54
CA LEU A 84 -18.47 16.78 4.97
C LEU A 84 -17.85 18.05 4.41
N MET A 85 -18.50 18.68 3.44
CA MET A 85 -17.96 19.90 2.83
C MET A 85 -17.96 21.07 3.83
N PRO A 86 -19.00 21.33 4.66
CA PRO A 86 -18.87 22.40 5.69
C PRO A 86 -17.71 22.13 6.68
N SER A 87 -17.42 20.85 7.00
CA SER A 87 -16.33 20.48 7.91
C SER A 87 -14.97 20.82 7.32
N VAL A 88 -14.79 20.62 6.01
CA VAL A 88 -13.53 20.94 5.33
C VAL A 88 -13.38 22.47 5.25
N ALA A 89 -14.47 23.16 4.85
CA ALA A 89 -14.52 24.63 4.74
C ALA A 89 -14.27 25.30 6.09
N ASN A 90 -14.69 24.64 7.21
CA ASN A 90 -14.51 25.13 8.57
C ASN A 90 -13.23 24.63 9.25
N GLY A 91 -12.36 23.97 8.49
CA GLY A 91 -11.07 23.49 8.96
C GLY A 91 -11.07 22.34 9.96
N ARG A 92 -12.16 21.57 10.02
CA ARG A 92 -12.28 20.39 10.88
C ARG A 92 -11.44 19.23 10.29
N PHE A 93 -11.37 19.13 8.94
CA PHE A 93 -10.59 18.11 8.20
C PHE A 93 -9.77 18.76 7.11
N ASP A 94 -8.71 18.08 6.64
CA ASP A 94 -7.86 18.57 5.55
C ASP A 94 -8.44 18.19 4.18
N VAL A 95 -9.11 17.03 4.14
CA VAL A 95 -9.67 16.45 2.91
C VAL A 95 -11.01 15.82 3.26
N ALA A 96 -11.85 15.64 2.25
CA ALA A 96 -13.05 14.82 2.36
C ALA A 96 -13.09 13.87 1.16
N ALA A 97 -13.29 12.59 1.44
CA ALA A 97 -13.36 11.56 0.39
C ALA A 97 -14.57 10.66 0.61
N ALA A 98 -15.61 10.78 -0.22
CA ALA A 98 -16.86 9.99 -0.11
C ALA A 98 -17.69 10.08 -1.39
N ALA A 99 -17.08 9.76 -2.58
CA ALA A 99 -17.74 9.86 -3.90
C ALA A 99 -18.43 11.26 -4.08
N ILE A 100 -17.74 12.33 -3.67
CA ILE A 100 -18.26 13.71 -3.72
C ILE A 100 -18.22 14.25 -5.15
N GLY A 101 -19.38 14.27 -5.78
CA GLY A 101 -19.54 14.78 -7.14
C GLY A 101 -19.10 16.22 -7.27
N THR A 102 -18.27 16.51 -8.30
CA THR A 102 -17.73 17.84 -8.57
C THR A 102 -18.74 18.66 -9.34
N THR A 103 -19.16 19.79 -8.74
CA THR A 103 -20.15 20.67 -9.35
C THR A 103 -19.72 22.10 -9.12
N ALA A 104 -20.25 23.03 -9.93
CA ALA A 104 -20.01 24.46 -9.83
C ALA A 104 -20.46 24.96 -8.44
N LYS A 105 -21.68 24.56 -8.02
CA LYS A 105 -22.30 24.89 -6.73
C LYS A 105 -21.38 24.55 -5.54
N ARG A 106 -20.77 23.35 -5.54
CA ARG A 106 -19.86 22.92 -4.47
C ARG A 106 -18.50 23.62 -4.56
N LYS A 107 -18.05 23.97 -5.79
CA LYS A 107 -16.79 24.70 -6.02
C LYS A 107 -16.80 26.14 -5.42
N GLU A 108 -18.01 26.63 -5.04
CA GLU A 108 -18.23 27.94 -4.38
C GLU A 108 -17.78 27.85 -2.92
N THR A 109 -17.90 26.65 -2.31
CA THR A 109 -17.60 26.37 -0.90
C THR A 109 -16.22 25.74 -0.70
N VAL A 110 -15.87 24.76 -1.55
CA VAL A 110 -14.63 23.98 -1.46
C VAL A 110 -13.92 23.82 -2.81
N ASP A 111 -12.64 23.40 -2.75
CA ASP A 111 -11.84 23.09 -3.95
C ASP A 111 -11.91 21.56 -4.13
N PHE A 112 -11.74 21.09 -5.37
CA PHE A 112 -11.75 19.66 -5.69
C PHE A 112 -10.48 19.26 -6.42
N SER A 113 -10.06 18.01 -6.24
CA SER A 113 -8.95 17.41 -6.98
C SER A 113 -9.55 17.06 -8.35
N ASP A 114 -8.71 16.59 -9.31
CA ASP A 114 -9.21 16.09 -10.60
C ASP A 114 -10.18 14.92 -10.33
N GLY A 115 -11.11 14.70 -11.24
CA GLY A 115 -12.08 13.62 -11.13
C GLY A 115 -11.45 12.24 -11.15
N TYR A 116 -12.01 11.29 -10.37
CA TYR A 116 -11.51 9.92 -10.32
C TYR A 116 -12.58 8.84 -10.51
N LEU A 117 -13.83 9.22 -10.69
CA LEU A 117 -14.93 8.28 -10.90
C LEU A 117 -16.15 9.01 -11.43
N ALA A 118 -16.71 8.52 -12.53
CA ALA A 118 -17.88 9.11 -13.18
C ALA A 118 -18.88 7.99 -13.46
N GLY A 119 -20.10 8.15 -12.98
CA GLY A 119 -21.09 7.09 -13.17
C GLY A 119 -22.53 7.52 -13.07
N PHE A 120 -23.37 6.62 -12.54
CA PHE A 120 -24.82 6.83 -12.47
C PHE A 120 -25.38 7.08 -11.08
N LEU A 121 -26.48 7.83 -11.03
CA LEU A 121 -27.28 8.02 -9.82
C LEU A 121 -28.37 6.95 -10.05
N SER A 122 -28.76 6.21 -9.01
CA SER A 122 -29.68 5.10 -9.18
C SER A 122 -30.83 5.12 -8.22
N VAL A 123 -32.00 4.72 -8.72
CA VAL A 123 -33.23 4.59 -7.96
C VAL A 123 -33.37 3.11 -7.61
N LEU A 124 -33.28 2.81 -6.32
CA LEU A 124 -33.38 1.47 -5.76
C LEU A 124 -34.81 1.30 -5.24
N THR A 125 -35.47 0.22 -5.63
CA THR A 125 -36.86 -0.03 -5.21
C THR A 125 -37.04 -1.48 -4.77
N SER A 126 -38.23 -1.81 -4.21
CA SER A 126 -38.65 -3.13 -3.78
C SER A 126 -38.96 -4.03 -5.00
N GLU A 127 -39.03 -5.36 -4.80
CA GLU A 127 -39.26 -6.40 -5.82
C GLU A 127 -40.46 -6.14 -6.75
N ALA A 128 -41.55 -5.54 -6.21
CA ALA A 128 -42.75 -5.22 -6.97
C ALA A 128 -42.95 -3.69 -7.08
N GLY A 129 -41.86 -2.93 -7.00
CA GLY A 129 -41.88 -1.47 -7.05
C GLY A 129 -41.98 -0.86 -8.44
N ILE A 130 -41.40 0.34 -8.56
CA ILE A 130 -41.31 1.19 -9.74
C ILE A 130 -40.49 0.52 -10.88
N THR A 131 -40.79 0.87 -12.16
CA THR A 131 -40.09 0.29 -13.31
C THR A 131 -39.25 1.32 -14.09
N ASP A 132 -39.66 2.62 -14.05
CA ASP A 132 -39.04 3.74 -14.76
C ASP A 132 -39.22 5.09 -14.02
N ALA A 133 -38.57 6.17 -14.52
CA ALA A 133 -38.68 7.52 -13.94
C ALA A 133 -40.13 8.03 -13.87
N ALA A 134 -40.99 7.68 -14.88
CA ALA A 134 -42.41 8.04 -14.94
C ALA A 134 -43.18 7.47 -13.75
N GLY A 135 -42.81 6.26 -13.33
CA GLY A 135 -43.42 5.55 -12.21
C GLY A 135 -43.25 6.24 -10.87
N LEU A 136 -42.30 7.20 -10.78
CA LEU A 136 -42.01 7.99 -9.57
C LEU A 136 -43.04 9.11 -9.30
N LYS A 137 -43.85 9.49 -10.31
CA LYS A 137 -44.87 10.51 -10.14
C LYS A 137 -45.88 10.06 -9.07
N GLY A 138 -45.98 10.84 -8.00
CA GLY A 138 -46.86 10.58 -6.87
C GLY A 138 -46.33 9.57 -5.85
N LYS A 139 -45.06 9.15 -5.99
CA LYS A 139 -44.47 8.17 -5.07
C LYS A 139 -43.59 8.85 -4.02
N ARG A 140 -43.13 8.07 -3.00
CA ARG A 140 -42.22 8.54 -1.95
C ARG A 140 -40.82 8.08 -2.26
N LEU A 141 -39.97 9.03 -2.57
CA LEU A 141 -38.59 8.75 -2.91
C LEU A 141 -37.68 9.24 -1.82
N GLY A 142 -36.86 8.32 -1.32
CA GLY A 142 -35.87 8.62 -0.30
C GLY A 142 -34.65 9.27 -0.94
N VAL A 143 -34.03 10.20 -0.20
CA VAL A 143 -32.79 10.90 -0.60
C VAL A 143 -31.97 11.21 0.65
N VAL A 144 -30.65 11.21 0.51
CA VAL A 144 -29.77 11.60 1.60
C VAL A 144 -29.59 13.10 1.51
N GLN A 145 -29.81 13.81 2.63
CA GLN A 145 -29.72 15.26 2.71
C GLN A 145 -28.35 15.74 2.27
N GLY A 146 -28.35 16.71 1.36
CA GLY A 146 -27.13 17.30 0.83
C GLY A 146 -26.54 16.65 -0.40
N THR A 147 -27.11 15.54 -0.88
CA THR A 147 -26.52 14.86 -2.05
C THR A 147 -27.01 15.46 -3.37
N LEU A 148 -26.34 15.09 -4.47
CA LEU A 148 -26.69 15.46 -5.85
C LEU A 148 -28.05 14.87 -6.21
N GLN A 149 -28.39 13.69 -5.65
CA GLN A 149 -29.68 12.99 -5.80
C GLN A 149 -30.82 13.91 -5.34
N GLU A 150 -30.62 14.63 -4.21
CA GLU A 150 -31.57 15.56 -3.63
C GLU A 150 -31.81 16.73 -4.60
N ILE A 151 -30.75 17.27 -5.23
CA ILE A 151 -30.82 18.35 -6.26
C ILE A 151 -31.49 17.84 -7.57
N TYR A 152 -31.07 16.64 -8.07
CA TYR A 152 -31.58 16.04 -9.31
C TYR A 152 -33.08 15.81 -9.24
N ALA A 153 -33.56 15.18 -8.15
CA ALA A 153 -34.96 14.88 -7.91
C ALA A 153 -35.81 16.15 -7.79
N GLU A 154 -35.24 17.23 -7.24
CA GLU A 154 -35.95 18.52 -7.12
C GLU A 154 -36.10 19.14 -8.51
N LYS A 155 -35.11 18.97 -9.41
CA LYS A 155 -35.14 19.53 -10.76
C LYS A 155 -35.81 18.63 -11.83
N ASN A 156 -35.71 17.30 -11.72
CA ASN A 156 -36.23 16.38 -12.74
C ASN A 156 -37.35 15.44 -12.28
N PHE A 157 -37.62 15.33 -10.96
CA PHE A 157 -38.67 14.44 -10.47
C PHE A 157 -39.79 15.21 -9.75
N ALA A 158 -40.31 16.27 -10.38
CA ALA A 158 -41.40 17.04 -9.81
C ALA A 158 -42.62 16.12 -9.73
N GLY A 159 -43.34 16.19 -8.61
CA GLY A 159 -44.51 15.37 -8.36
C GLY A 159 -44.18 14.17 -7.48
N THR A 160 -42.89 13.92 -7.25
CA THR A 160 -42.45 12.84 -6.36
C THR A 160 -42.21 13.44 -4.98
N ASP A 161 -42.80 12.83 -3.93
CA ASP A 161 -42.65 13.26 -2.54
C ASP A 161 -41.27 12.87 -2.06
N LEU A 162 -40.40 13.87 -1.83
CA LEU A 162 -39.02 13.59 -1.41
C LEU A 162 -38.90 13.45 0.08
N VAL A 163 -38.43 12.29 0.52
CA VAL A 163 -38.27 11.98 1.94
C VAL A 163 -36.80 12.06 2.26
N LYS A 164 -36.42 13.06 3.06
CA LYS A 164 -35.02 13.31 3.42
C LYS A 164 -34.54 12.38 4.53
N PHE A 165 -33.35 11.81 4.35
CA PHE A 165 -32.72 10.92 5.30
C PHE A 165 -31.32 11.41 5.64
N PRO A 166 -30.83 11.16 6.88
CA PRO A 166 -29.46 11.60 7.22
C PRO A 166 -28.38 10.77 6.51
N ASP A 167 -28.72 9.52 6.14
CA ASP A 167 -27.81 8.56 5.53
C ASP A 167 -28.53 7.46 4.76
N ASN A 168 -27.75 6.61 4.05
CA ASN A 168 -28.23 5.47 3.27
C ASN A 168 -28.88 4.38 4.07
N ASN A 169 -28.26 3.98 5.20
CA ASN A 169 -28.79 2.91 6.04
C ASN A 169 -30.22 3.18 6.54
N SER A 170 -30.51 4.42 7.00
CA SER A 170 -31.86 4.78 7.47
C SER A 170 -32.87 4.79 6.31
N ALA A 171 -32.43 5.25 5.13
CA ALA A 171 -33.24 5.29 3.92
C ALA A 171 -33.60 3.87 3.43
N VAL A 172 -32.62 2.95 3.43
CA VAL A 172 -32.80 1.55 3.04
C VAL A 172 -33.72 0.83 4.03
N SER A 173 -33.59 1.15 5.34
CA SER A 173 -34.46 0.60 6.39
C SER A 173 -35.92 1.02 6.14
N ALA A 174 -36.14 2.29 5.76
CA ALA A 174 -37.47 2.80 5.43
C ALA A 174 -38.01 2.11 4.15
N LEU A 175 -37.13 1.88 3.15
CA LEU A 175 -37.48 1.19 1.90
C LEU A 175 -37.90 -0.25 2.19
N ASN A 176 -37.15 -0.95 3.08
CA ASN A 176 -37.41 -2.33 3.47
C ASN A 176 -38.69 -2.46 4.30
N ASN A 177 -38.99 -1.42 5.12
CA ASN A 177 -40.18 -1.31 5.98
C ASN A 177 -41.47 -0.90 5.23
N GLY A 178 -41.32 -0.30 4.05
CA GLY A 178 -42.45 0.18 3.24
C GLY A 178 -42.82 1.63 3.48
N THR A 179 -41.98 2.35 4.28
CA THR A 179 -42.12 3.77 4.63
C THR A 179 -42.00 4.62 3.35
N VAL A 180 -41.09 4.20 2.42
CA VAL A 180 -40.83 4.86 1.14
C VAL A 180 -40.91 3.83 -0.01
N ASP A 181 -41.23 4.32 -1.22
CA ASP A 181 -41.36 3.47 -2.41
C ASP A 181 -40.00 3.14 -3.04
N ALA A 182 -39.06 4.09 -2.97
CA ALA A 182 -37.73 3.93 -3.53
C ALA A 182 -36.74 4.78 -2.79
N HIS A 183 -35.46 4.58 -3.10
CA HIS A 183 -34.38 5.35 -2.53
C HIS A 183 -33.42 5.70 -3.65
N PHE A 184 -33.04 6.99 -3.71
CA PHE A 184 -32.15 7.55 -4.71
C PHE A 184 -30.76 7.70 -4.12
N LEU A 185 -29.78 6.94 -4.65
CA LEU A 185 -28.41 6.92 -4.15
C LEU A 185 -27.42 6.60 -5.28
N ASP A 186 -26.12 6.56 -5.00
CA ASP A 186 -25.11 6.27 -6.01
C ASP A 186 -25.19 4.83 -6.50
N PHE A 187 -24.99 4.61 -7.81
CA PHE A 187 -25.10 3.27 -8.45
C PHE A 187 -24.43 2.13 -7.67
N GLU A 188 -23.16 2.27 -7.34
CA GLU A 188 -22.46 1.16 -6.66
C GLU A 188 -23.04 0.84 -5.30
N ALA A 189 -23.56 1.86 -4.59
CA ALA A 189 -24.17 1.67 -3.28
C ALA A 189 -25.55 1.02 -3.44
N ALA A 190 -26.30 1.40 -4.49
CA ALA A 190 -27.60 0.80 -4.84
C ALA A 190 -27.36 -0.68 -5.16
N LYS A 191 -26.30 -0.97 -5.94
CA LYS A 191 -25.90 -2.33 -6.36
C LYS A 191 -25.57 -3.18 -5.11
N ASP A 192 -24.79 -2.60 -4.17
CA ASP A 192 -24.43 -3.25 -2.91
C ASP A 192 -25.66 -3.56 -2.03
N TYR A 193 -26.59 -2.61 -1.86
CA TYR A 193 -27.81 -2.84 -1.07
C TYR A 193 -28.74 -3.86 -1.71
N SER A 194 -28.76 -3.96 -3.05
CA SER A 194 -29.58 -4.96 -3.74
C SER A 194 -28.99 -6.37 -3.58
N ALA A 195 -27.69 -6.45 -3.28
CA ALA A 195 -27.01 -7.74 -3.01
C ALA A 195 -27.29 -8.15 -1.55
N ARG A 196 -27.25 -7.18 -0.60
CA ARG A 196 -27.50 -7.39 0.83
C ARG A 196 -28.97 -7.61 1.15
N TYR A 197 -29.89 -7.01 0.37
CA TYR A 197 -31.33 -7.19 0.51
C TYR A 197 -31.80 -7.67 -0.88
N PRO A 198 -31.82 -9.01 -1.12
CA PRO A 198 -32.12 -9.53 -2.48
C PRO A 198 -33.43 -9.10 -3.12
N ALA A 199 -34.44 -8.71 -2.32
CA ALA A 199 -35.72 -8.25 -2.86
C ALA A 199 -35.57 -6.88 -3.56
N LEU A 200 -34.54 -6.10 -3.18
CA LEU A 200 -34.31 -4.78 -3.76
C LEU A 200 -33.70 -4.85 -5.17
N LYS A 201 -34.02 -3.83 -6.00
CA LYS A 201 -33.54 -3.77 -7.37
C LYS A 201 -33.45 -2.33 -7.88
N ILE A 202 -32.52 -2.09 -8.81
CA ILE A 202 -32.33 -0.79 -9.43
C ILE A 202 -33.36 -0.66 -10.54
N ALA A 203 -34.18 0.38 -10.47
CA ALA A 203 -35.26 0.62 -11.43
C ALA A 203 -34.90 1.67 -12.46
N VAL A 204 -34.08 2.69 -12.06
CA VAL A 204 -33.68 3.81 -12.92
C VAL A 204 -32.22 4.15 -12.71
N ASN A 205 -31.49 4.42 -13.81
CA ASN A 205 -30.10 4.88 -13.80
C ASN A 205 -30.04 6.24 -14.48
N ILE A 206 -29.54 7.25 -13.76
CA ILE A 206 -29.45 8.62 -14.27
C ILE A 206 -27.96 8.96 -14.45
N PRO A 207 -27.54 9.44 -15.63
CA PRO A 207 -26.11 9.79 -15.82
C PRO A 207 -25.64 10.95 -14.94
N SER A 208 -24.46 10.79 -14.34
CA SER A 208 -23.87 11.82 -13.49
C SER A 208 -22.39 11.99 -13.84
N PHE A 209 -22.08 11.90 -15.13
CA PHE A 209 -20.74 12.01 -15.70
C PHE A 209 -20.20 13.44 -15.68
N ASP A 210 -21.10 14.42 -15.57
CA ASP A 210 -20.81 15.86 -15.50
C ASP A 210 -20.38 16.25 -14.07
N ALA A 211 -20.50 15.32 -13.12
CA ALA A 211 -20.13 15.50 -11.72
C ALA A 211 -19.23 14.34 -11.22
N PRO A 212 -18.02 14.14 -11.80
CA PRO A 212 -17.15 13.06 -11.31
C PRO A 212 -16.75 13.26 -9.85
N ALA A 213 -16.47 12.16 -9.13
CA ALA A 213 -16.02 12.25 -7.73
C ALA A 213 -14.66 12.90 -7.71
N GLY A 214 -14.46 13.80 -6.76
CA GLY A 214 -13.19 14.48 -6.55
C GLY A 214 -12.91 14.54 -5.07
N PHE A 215 -11.63 14.63 -4.68
CA PHE A 215 -11.32 14.77 -3.26
C PHE A 215 -11.52 16.25 -2.94
N VAL A 216 -12.23 16.52 -1.84
CA VAL A 216 -12.55 17.88 -1.42
C VAL A 216 -11.45 18.39 -0.50
N ILE A 217 -10.96 19.59 -0.79
CA ILE A 217 -9.94 20.30 -0.01
C ILE A 217 -10.42 21.73 0.26
N ARG A 218 -9.82 22.39 1.27
CA ARG A 218 -10.20 23.73 1.66
C ARG A 218 -9.88 24.74 0.55
N LYS A 219 -10.78 25.71 0.35
CA LYS A 219 -10.59 26.79 -0.60
C LYS A 219 -9.53 27.72 0.06
N GLY A 220 -8.36 27.92 -0.54
CA GLY A 220 -7.86 27.36 -1.78
C GLY A 220 -6.45 26.85 -1.53
N ASN A 221 -6.36 25.68 -0.88
CA ASN A 221 -5.12 24.99 -0.54
C ASN A 221 -4.54 24.41 -1.83
N ASP A 222 -3.90 25.27 -2.62
CA ASP A 222 -3.34 24.91 -3.92
C ASP A 222 -2.29 23.80 -3.85
N ALA A 223 -1.45 23.81 -2.78
CA ALA A 223 -0.40 22.83 -2.52
C ALA A 223 -0.96 21.42 -2.40
N LEU A 224 -1.93 21.21 -1.48
CA LEU A 224 -2.59 19.90 -1.28
C LEU A 224 -3.35 19.48 -2.54
N ARG A 225 -4.07 20.41 -3.18
CA ARG A 225 -4.83 20.14 -4.42
C ARG A 225 -3.90 19.61 -5.53
N ASN A 226 -2.78 20.34 -5.81
CA ASN A 226 -1.80 19.95 -6.81
C ASN A 226 -1.14 18.62 -6.44
N ALA A 227 -0.87 18.38 -5.14
CA ALA A 227 -0.29 17.12 -4.65
C ALA A 227 -1.23 15.95 -4.85
N LEU A 228 -2.53 16.16 -4.55
CA LEU A 228 -3.56 15.14 -4.73
C LEU A 228 -3.72 14.78 -6.20
N ASP A 229 -3.77 15.80 -7.08
CA ASP A 229 -3.85 15.68 -8.54
C ASP A 229 -2.70 14.88 -9.14
N LYS A 230 -1.47 15.08 -8.64
CA LYS A 230 -0.27 14.37 -9.10
C LYS A 230 -0.35 12.89 -8.73
N GLY A 231 -0.70 12.61 -7.46
CA GLY A 231 -0.89 11.25 -6.95
C GLY A 231 -1.98 10.50 -7.71
N LEU A 232 -3.06 11.20 -8.03
CA LEU A 232 -4.17 10.61 -8.79
C LEU A 232 -3.75 10.23 -10.20
N LYS A 233 -3.07 11.15 -10.91
CA LYS A 233 -2.58 10.95 -12.27
C LYS A 233 -1.60 9.77 -12.31
N GLU A 234 -0.75 9.65 -11.26
CA GLU A 234 0.23 8.57 -11.13
C GLU A 234 -0.43 7.22 -10.94
N ALA A 235 -1.43 7.15 -10.02
CA ALA A 235 -2.21 5.96 -9.69
C ALA A 235 -3.01 5.45 -10.90
N MET A 236 -3.51 6.38 -11.73
CA MET A 236 -4.23 6.02 -12.95
C MET A 236 -3.25 5.51 -14.00
N GLN A 237 -2.12 6.20 -14.16
CA GLN A 237 -1.07 5.84 -15.14
C GLN A 237 -0.39 4.48 -14.84
N ASP A 238 -0.18 4.12 -13.56
CA ASP A 238 0.49 2.86 -13.26
C ASP A 238 -0.48 1.66 -13.06
N GLY A 239 -1.77 1.88 -13.31
CA GLY A 239 -2.80 0.85 -13.23
C GLY A 239 -3.35 0.58 -11.85
N THR A 240 -2.93 1.39 -10.84
CA THR A 240 -3.40 1.28 -9.46
C THR A 240 -4.90 1.55 -9.39
N TRP A 241 -5.37 2.61 -10.09
CA TRP A 241 -6.77 3.00 -10.16
C TRP A 241 -7.59 1.85 -10.75
N LYS A 242 -7.10 1.25 -11.85
CA LYS A 242 -7.71 0.11 -12.54
C LYS A 242 -7.88 -1.05 -11.56
N LYS A 243 -6.80 -1.40 -10.83
CA LYS A 243 -6.82 -2.50 -9.84
C LYS A 243 -7.84 -2.28 -8.75
N LEU A 244 -7.90 -1.07 -8.13
CA LEU A 244 -8.89 -0.76 -7.11
C LEU A 244 -10.32 -0.78 -7.67
N HIS A 245 -10.49 -0.25 -8.90
CA HIS A 245 -11.80 -0.23 -9.57
C HIS A 245 -12.31 -1.65 -9.81
N GLU A 246 -11.42 -2.55 -10.27
CA GLU A 246 -11.76 -3.96 -10.52
C GLU A 246 -12.13 -4.66 -9.21
N LYS A 247 -11.41 -4.33 -8.12
CA LYS A 247 -11.68 -4.90 -6.81
C LYS A 247 -13.05 -4.46 -6.25
N TRP A 248 -13.32 -3.14 -6.18
CA TRP A 248 -14.51 -2.62 -5.54
C TRP A 248 -15.76 -2.55 -6.40
N PHE A 249 -15.60 -2.38 -7.72
CA PHE A 249 -16.75 -2.29 -8.61
C PHE A 249 -16.70 -3.38 -9.68
N PRO A 250 -16.76 -4.69 -9.34
CA PRO A 250 -16.68 -5.71 -10.41
C PRO A 250 -17.84 -5.61 -11.38
N GLY A 251 -17.51 -5.64 -12.66
CA GLY A 251 -18.50 -5.53 -13.73
C GLY A 251 -18.78 -4.12 -14.19
N THR A 252 -18.24 -3.08 -13.49
CA THR A 252 -18.48 -1.70 -13.90
C THR A 252 -17.47 -1.25 -14.99
N PRO A 253 -17.93 -0.62 -16.10
CA PRO A 253 -16.98 -0.16 -17.13
C PRO A 253 -16.03 0.91 -16.62
N MET A 254 -14.77 0.91 -17.10
CA MET A 254 -13.75 1.89 -16.72
C MET A 254 -13.41 2.71 -17.98
N PRO A 255 -13.50 4.06 -17.96
CA PRO A 255 -13.19 4.82 -19.17
C PRO A 255 -11.69 4.96 -19.36
N ALA A 256 -11.27 5.16 -20.62
CA ALA A 256 -9.87 5.31 -21.02
C ALA A 256 -9.17 6.45 -20.26
N ALA A 257 -9.92 7.51 -19.93
CA ALA A 257 -9.45 8.71 -19.20
C ALA A 257 -8.77 8.39 -17.86
N TYR A 258 -9.24 7.36 -17.15
CA TYR A 258 -8.70 6.97 -15.85
C TYR A 258 -7.83 5.70 -15.87
N LEU A 259 -7.54 5.19 -17.07
CA LEU A 259 -6.72 4.01 -17.27
C LEU A 259 -5.33 4.41 -17.82
N PRO A 260 -4.31 3.50 -17.78
CA PRO A 260 -2.99 3.87 -18.31
C PRO A 260 -3.01 4.33 -19.77
N LYS A 261 -2.16 5.31 -20.09
CA LYS A 261 -2.02 5.94 -21.40
C LYS A 261 -0.63 5.71 -21.99
N MET B 20 43.96 3.79 18.96
CA MET B 20 43.47 5.16 18.83
C MET B 20 43.34 5.57 17.37
N ASP B 21 44.13 4.94 16.46
CA ASP B 21 44.07 5.22 15.02
C ASP B 21 42.77 4.64 14.49
N ASN B 22 41.92 5.52 13.93
CA ASN B 22 40.62 5.08 13.42
C ASN B 22 40.42 5.53 11.96
N PRO B 23 41.13 4.91 10.98
CA PRO B 23 40.96 5.34 9.58
C PRO B 23 39.61 4.97 8.96
N LEU B 24 38.95 3.92 9.48
CA LEU B 24 37.66 3.47 8.96
C LEU B 24 36.45 4.15 9.63
N GLY B 25 36.72 4.99 10.63
CA GLY B 25 35.72 5.75 11.37
C GLY B 25 34.69 4.88 12.09
N LEU B 26 35.17 3.82 12.76
CA LEU B 26 34.33 2.89 13.49
C LEU B 26 34.02 3.42 14.89
N ILE B 27 32.93 2.89 15.54
CA ILE B 27 32.54 3.25 16.92
C ILE B 27 33.72 2.88 17.86
N ASP B 28 34.34 1.72 17.58
CA ASP B 28 35.48 1.15 18.27
C ASP B 28 36.48 0.74 17.17
N PRO B 29 37.69 1.34 17.13
CA PRO B 29 38.66 1.01 16.07
C PRO B 29 39.14 -0.45 15.99
N THR B 30 38.96 -1.24 17.06
CA THR B 30 39.40 -2.65 17.11
C THR B 30 38.28 -3.64 16.71
N THR B 31 37.03 -3.17 16.59
CA THR B 31 35.88 -4.03 16.31
C THR B 31 34.93 -3.44 15.27
N ILE B 32 34.30 -4.30 14.45
CA ILE B 32 33.27 -3.87 13.51
C ILE B 32 31.93 -4.37 14.07
N SER B 33 31.03 -3.42 14.41
CA SER B 33 29.70 -3.73 14.93
C SER B 33 28.71 -3.76 13.77
N VAL B 34 28.14 -4.94 13.49
CA VAL B 34 27.22 -5.16 12.37
C VAL B 34 25.78 -5.44 12.81
N GLY B 35 24.86 -4.66 12.27
CA GLY B 35 23.42 -4.84 12.47
C GLY B 35 22.94 -5.82 11.42
N THR B 36 22.21 -6.86 11.83
CA THR B 36 21.73 -7.86 10.89
C THR B 36 20.36 -8.40 11.35
N MET B 37 19.93 -9.54 10.80
CA MET B 37 18.67 -10.11 11.25
C MET B 37 18.73 -11.62 11.39
N GLY B 38 17.94 -12.12 12.31
CA GLY B 38 17.93 -13.53 12.65
C GLY B 38 17.09 -14.44 11.76
N ASP B 39 16.17 -13.88 10.97
CA ASP B 39 15.27 -14.72 10.17
C ASP B 39 15.17 -14.35 8.68
N ALA B 40 16.32 -14.15 8.02
CA ALA B 40 16.33 -13.93 6.58
C ALA B 40 17.18 -15.07 5.97
N LYS B 41 16.96 -16.32 6.46
CA LYS B 41 17.70 -17.51 5.99
C LYS B 41 17.47 -17.73 4.50
N PRO B 42 18.50 -17.92 3.63
CA PRO B 42 19.94 -18.09 3.90
C PRO B 42 20.82 -16.86 3.74
N TYR B 43 20.23 -15.65 3.59
CA TYR B 43 21.07 -14.45 3.50
C TYR B 43 21.72 -14.16 4.86
N ALA B 44 20.91 -14.08 5.90
CA ALA B 44 21.36 -13.72 7.23
C ALA B 44 20.40 -14.33 8.22
N PHE B 45 20.92 -15.16 9.15
CA PHE B 45 20.09 -15.86 10.11
C PHE B 45 20.88 -16.39 11.28
N THR B 46 20.17 -16.80 12.31
CA THR B 46 20.83 -17.41 13.44
C THR B 46 20.65 -18.89 13.32
N THR B 47 21.68 -19.65 13.66
CA THR B 47 21.54 -21.11 13.75
C THR B 47 20.97 -21.33 15.16
N ALA B 48 20.64 -22.57 15.52
CA ALA B 48 20.04 -22.85 16.83
C ALA B 48 20.92 -22.47 18.04
N ASP B 49 22.24 -22.36 17.86
CA ASP B 49 23.18 -21.93 18.92
C ASP B 49 23.16 -20.40 19.13
N GLY B 50 22.52 -19.69 18.21
CA GLY B 50 22.40 -18.23 18.25
C GLY B 50 23.41 -17.48 17.40
N ASN B 51 24.37 -18.19 16.81
CA ASN B 51 25.37 -17.55 15.96
C ASN B 51 24.83 -17.09 14.63
N PHE B 52 25.24 -15.89 14.19
CA PHE B 52 24.80 -15.34 12.91
C PHE B 52 25.57 -15.96 11.75
N THR B 53 24.84 -16.38 10.75
CA THR B 53 25.43 -17.03 9.58
C THR B 53 24.61 -16.68 8.31
N GLY B 54 24.96 -17.31 7.21
CA GLY B 54 24.30 -17.06 5.94
C GLY B 54 25.24 -16.39 4.99
N PHE B 55 24.83 -16.31 3.71
CA PHE B 55 25.66 -15.70 2.67
C PHE B 55 26.16 -14.31 3.00
N ASP B 56 25.23 -13.41 3.36
CA ASP B 56 25.57 -12.02 3.63
C ASP B 56 26.56 -11.86 4.79
N ILE B 57 26.42 -12.71 5.82
CA ILE B 57 27.28 -12.74 7.01
C ILE B 57 28.66 -13.25 6.64
N GLU B 58 28.71 -14.40 5.93
CA GLU B 58 29.98 -15.01 5.51
C GLU B 58 30.71 -14.13 4.51
N LEU B 59 29.97 -13.43 3.61
CA LEU B 59 30.61 -12.50 2.69
C LEU B 59 31.17 -11.29 3.40
N PHE B 60 30.41 -10.73 4.35
CA PHE B 60 30.91 -9.59 5.12
C PHE B 60 32.16 -9.98 5.90
N LEU B 61 32.14 -11.15 6.59
CA LEU B 61 33.31 -11.67 7.34
C LEU B 61 34.54 -11.79 6.44
N ASN B 62 34.35 -12.23 5.20
CA ASN B 62 35.45 -12.36 4.26
C ASN B 62 36.03 -10.98 3.84
N VAL B 63 35.13 -10.00 3.59
CA VAL B 63 35.49 -8.62 3.24
C VAL B 63 36.25 -7.98 4.43
N ALA B 64 35.70 -8.15 5.66
CA ALA B 64 36.29 -7.65 6.91
C ALA B 64 37.72 -8.19 7.13
N GLY B 65 37.96 -9.47 6.81
CA GLY B 65 39.29 -10.10 6.90
C GLY B 65 40.32 -9.41 6.02
N ARG B 66 39.87 -8.95 4.83
CA ARG B 66 40.71 -8.23 3.86
C ARG B 66 41.12 -6.84 4.34
N LEU B 67 40.30 -6.21 5.22
CA LEU B 67 40.63 -4.92 5.84
C LEU B 67 41.48 -5.10 7.11
N GLY B 68 41.71 -6.35 7.49
CA GLY B 68 42.54 -6.69 8.63
C GLY B 68 41.77 -6.97 9.90
N PHE B 69 40.50 -7.42 9.77
CA PHE B 69 39.62 -7.74 10.89
C PHE B 69 39.29 -9.24 10.91
N LYS B 70 39.74 -9.96 11.95
CA LYS B 70 39.47 -11.39 12.12
C LYS B 70 38.00 -11.57 12.53
N LYS B 71 37.49 -12.81 12.43
CA LYS B 71 36.09 -13.16 12.76
C LYS B 71 35.68 -12.68 14.17
N GLU B 72 36.58 -12.86 15.15
CA GLU B 72 36.43 -12.48 16.55
C GLU B 72 36.30 -10.95 16.75
N GLN B 73 36.72 -10.17 15.73
CA GLN B 73 36.66 -8.69 15.72
C GLN B 73 35.36 -8.15 15.09
N VAL B 74 34.49 -9.05 14.61
CA VAL B 74 33.22 -8.67 13.97
C VAL B 74 32.07 -9.15 14.85
N VAL B 75 31.23 -8.23 15.31
CA VAL B 75 30.13 -8.52 16.22
C VAL B 75 28.82 -8.30 15.49
N PHE B 76 27.92 -9.30 15.53
CA PHE B 76 26.63 -9.24 14.84
C PHE B 76 25.48 -9.12 15.82
N THR B 77 24.60 -8.12 15.62
CA THR B 77 23.43 -7.90 16.46
C THR B 77 22.18 -8.07 15.61
N GLY B 78 21.26 -8.90 16.06
CA GLY B 78 20.01 -9.15 15.37
C GLY B 78 18.96 -8.12 15.70
N GLN B 79 18.40 -7.51 14.65
CA GLN B 79 17.33 -6.52 14.77
C GLN B 79 16.23 -6.80 13.76
N GLU B 80 15.02 -6.23 13.98
CA GLU B 80 13.95 -6.34 12.99
C GLU B 80 14.41 -5.53 11.78
N PHE B 81 14.04 -5.94 10.56
CA PHE B 81 14.50 -5.26 9.36
C PHE B 81 14.32 -3.74 9.41
N SER B 82 13.13 -3.25 9.79
CA SER B 82 12.79 -1.82 9.89
C SER B 82 13.74 -1.00 10.80
N ALA B 83 14.45 -1.66 11.73
CA ALA B 83 15.34 -0.99 12.68
C ALA B 83 16.78 -0.85 12.20
N LEU B 84 17.18 -1.60 11.17
CA LEU B 84 18.55 -1.68 10.65
C LEU B 84 19.13 -0.38 10.13
N MET B 85 18.52 0.19 9.07
CA MET B 85 19.01 1.45 8.49
C MET B 85 18.91 2.61 9.51
N PRO B 86 17.82 2.80 10.32
CA PRO B 86 17.85 3.86 11.35
C PRO B 86 18.93 3.66 12.42
N SER B 87 19.30 2.40 12.72
CA SER B 87 20.35 2.08 13.70
C SER B 87 21.74 2.52 13.22
N VAL B 88 22.02 2.42 11.92
CA VAL B 88 23.30 2.83 11.32
C VAL B 88 23.37 4.37 11.26
N ALA B 89 22.27 5.01 10.81
CA ALA B 89 22.16 6.48 10.71
C ALA B 89 22.36 7.13 12.09
N ASN B 90 21.93 6.45 13.18
CA ASN B 90 22.05 6.93 14.55
C ASN B 90 23.33 6.47 15.26
N GLY B 91 24.24 5.83 14.51
CA GLY B 91 25.54 5.40 15.02
C GLY B 91 25.55 4.24 16.00
N ARG B 92 24.48 3.41 16.01
CA ARG B 92 24.36 2.23 16.86
C ARG B 92 25.28 1.11 16.33
N PHE B 93 25.40 1.01 14.99
CA PHE B 93 26.25 0.03 14.29
C PHE B 93 27.12 0.73 13.25
N ASP B 94 28.24 0.10 12.88
CA ASP B 94 29.11 0.64 11.84
C ASP B 94 28.55 0.23 10.47
N VAL B 95 28.05 -1.02 10.37
CA VAL B 95 27.52 -1.62 9.14
C VAL B 95 26.21 -2.33 9.42
N ALA B 96 25.36 -2.45 8.40
CA ALA B 96 24.14 -3.27 8.41
C ALA B 96 24.23 -4.22 7.18
N ALA B 97 24.12 -5.53 7.41
CA ALA B 97 24.19 -6.56 6.34
C ALA B 97 23.02 -7.53 6.50
N ALA B 98 22.04 -7.51 5.56
CA ALA B 98 20.85 -8.39 5.64
C ALA B 98 20.03 -8.30 4.36
N ALA B 99 20.69 -8.52 3.19
CA ALA B 99 20.05 -8.43 1.86
C ALA B 99 19.33 -7.08 1.70
N ILE B 100 20.02 -6.00 2.07
CA ILE B 100 19.46 -4.65 2.00
C ILE B 100 19.55 -4.11 0.58
N GLY B 101 18.42 -4.13 -0.13
CA GLY B 101 18.33 -3.61 -1.49
C GLY B 101 18.69 -2.15 -1.57
N THR B 102 19.56 -1.79 -2.54
CA THR B 102 20.03 -0.44 -2.76
C THR B 102 19.02 0.35 -3.58
N THR B 103 18.48 1.43 -3.00
CA THR B 103 17.49 2.28 -3.66
C THR B 103 17.81 3.72 -3.39
N ALA B 104 17.25 4.63 -4.22
CA ALA B 104 17.41 6.07 -4.09
C ALA B 104 16.85 6.53 -2.73
N LYS B 105 15.64 6.05 -2.38
CA LYS B 105 14.93 6.33 -1.13
C LYS B 105 15.80 6.03 0.11
N ARG B 106 16.48 4.87 0.12
CA ARG B 106 17.36 4.48 1.24
C ARG B 106 18.68 5.26 1.24
N LYS B 107 19.17 5.64 0.04
CA LYS B 107 20.39 6.45 -0.12
C LYS B 107 20.26 7.87 0.49
N GLU B 108 19.01 8.30 0.80
CA GLU B 108 18.69 9.57 1.46
C GLU B 108 19.07 9.51 2.93
N THR B 109 18.98 8.30 3.53
CA THR B 109 19.23 8.03 4.95
C THR B 109 20.63 7.47 5.21
N VAL B 110 21.08 6.52 4.38
CA VAL B 110 22.35 5.80 4.54
C VAL B 110 23.14 5.69 3.23
N ASP B 111 24.43 5.34 3.33
CA ASP B 111 25.31 5.06 2.19
C ASP B 111 25.35 3.54 2.00
N PHE B 112 25.62 3.08 0.77
CA PHE B 112 25.70 1.66 0.44
C PHE B 112 27.03 1.34 -0.23
N SER B 113 27.51 0.11 -0.02
CA SER B 113 28.70 -0.42 -0.70
C SER B 113 28.22 -0.81 -2.10
N ASP B 114 29.14 -1.23 -3.00
CA ASP B 114 28.74 -1.74 -4.31
C ASP B 114 27.85 -2.97 -4.12
N GLY B 115 26.99 -3.24 -5.09
CA GLY B 115 26.07 -4.36 -5.05
C GLY B 115 26.78 -5.71 -5.05
N TYR B 116 26.23 -6.69 -4.31
CA TYR B 116 26.81 -8.03 -4.24
C TYR B 116 25.81 -9.16 -4.50
N LEU B 117 24.54 -8.83 -4.75
CA LEU B 117 23.50 -9.84 -5.02
C LEU B 117 22.29 -9.14 -5.61
N ALA B 118 21.81 -9.65 -6.75
CA ALA B 118 20.66 -9.10 -7.45
C ALA B 118 19.71 -10.26 -7.80
N GLY B 119 18.47 -10.15 -7.39
CA GLY B 119 17.55 -11.24 -7.65
C GLY B 119 16.09 -10.86 -7.65
N PHE B 120 15.26 -11.80 -7.21
CA PHE B 120 13.81 -11.63 -7.22
C PHE B 120 13.16 -11.43 -5.88
N LEU B 121 12.00 -10.73 -5.87
CA LEU B 121 11.13 -10.61 -4.72
C LEU B 121 10.13 -11.72 -5.03
N SER B 122 9.72 -12.51 -4.03
CA SER B 122 8.87 -13.67 -4.27
C SER B 122 7.67 -13.73 -3.39
N VAL B 123 6.56 -14.21 -3.97
CA VAL B 123 5.30 -14.41 -3.29
C VAL B 123 5.22 -15.90 -2.98
N LEU B 124 5.26 -16.23 -1.70
CA LEU B 124 5.22 -17.59 -1.16
C LEU B 124 3.78 -17.86 -0.73
N THR B 125 3.21 -18.98 -1.17
CA THR B 125 1.82 -19.33 -0.89
C THR B 125 1.60 -20.84 -0.79
N SER B 126 0.45 -21.24 -0.21
CA SER B 126 0.00 -22.62 -0.03
C SER B 126 -1.13 -22.97 -1.03
N GLU B 127 -1.91 -21.97 -1.46
CA GLU B 127 -3.06 -22.13 -2.38
C GLU B 127 -2.66 -21.88 -3.83
N ALA B 128 -2.76 -22.93 -4.67
CA ALA B 128 -2.40 -22.86 -6.10
C ALA B 128 -3.48 -23.41 -7.06
N GLY B 129 -4.59 -22.68 -7.30
CA GLY B 129 -4.94 -21.38 -6.72
C GLY B 129 -4.18 -20.20 -7.29
N ILE B 130 -3.33 -19.58 -6.45
CA ILE B 130 -2.51 -18.45 -6.84
C ILE B 130 -1.36 -19.00 -7.67
N THR B 131 -1.48 -18.82 -8.98
CA THR B 131 -0.48 -19.26 -9.95
C THR B 131 0.39 -18.10 -10.42
N ASP B 132 -0.15 -16.85 -10.39
CA ASP B 132 0.56 -15.62 -10.76
C ASP B 132 -0.05 -14.38 -10.10
N ALA B 133 0.48 -13.18 -10.44
CA ALA B 133 0.10 -11.87 -9.88
C ALA B 133 -1.40 -11.57 -9.95
N ALA B 134 -2.11 -12.12 -10.97
CA ALA B 134 -3.57 -11.98 -11.13
C ALA B 134 -4.30 -12.63 -9.96
N GLY B 135 -3.79 -13.77 -9.50
CA GLY B 135 -4.34 -14.53 -8.38
C GLY B 135 -4.33 -13.79 -7.06
N LEU B 136 -3.49 -12.73 -6.95
CA LEU B 136 -3.34 -11.90 -5.76
C LEU B 136 -4.51 -10.94 -5.56
N LYS B 137 -5.28 -10.67 -6.63
CA LYS B 137 -6.47 -9.82 -6.56
C LYS B 137 -7.45 -10.43 -5.54
N GLY B 138 -7.81 -9.63 -4.54
CA GLY B 138 -8.74 -10.03 -3.49
C GLY B 138 -8.21 -10.99 -2.45
N LYS B 139 -6.88 -11.03 -2.26
CA LYS B 139 -6.26 -11.92 -1.28
C LYS B 139 -5.61 -11.13 -0.14
N ARG B 140 -5.15 -11.85 0.90
CA ARG B 140 -4.47 -11.27 2.07
C ARG B 140 -2.99 -11.60 1.96
N LEU B 141 -2.18 -10.57 1.71
CA LEU B 141 -0.73 -10.71 1.51
C LEU B 141 0.12 -10.20 2.65
N GLY B 142 0.87 -11.10 3.26
CA GLY B 142 1.80 -10.75 4.34
C GLY B 142 3.02 -10.07 3.76
N VAL B 143 3.56 -9.08 4.50
CA VAL B 143 4.80 -8.33 4.16
C VAL B 143 5.53 -7.99 5.46
N VAL B 144 6.88 -7.85 5.41
CA VAL B 144 7.65 -7.43 6.59
C VAL B 144 7.75 -5.90 6.52
N GLN B 145 7.45 -5.21 7.65
CA GLN B 145 7.51 -3.74 7.77
C GLN B 145 8.90 -3.20 7.43
N GLY B 146 8.93 -2.16 6.59
CA GLY B 146 10.16 -1.51 6.16
C GLY B 146 10.87 -2.11 4.96
N THR B 147 10.32 -3.19 4.36
CA THR B 147 10.96 -3.85 3.21
C THR B 147 10.54 -3.29 1.85
N LEU B 148 11.32 -3.61 0.79
CA LEU B 148 11.03 -3.25 -0.60
C LEU B 148 9.74 -3.92 -1.04
N GLN B 149 9.45 -5.13 -0.50
CA GLN B 149 8.22 -5.89 -0.74
C GLN B 149 7.00 -5.06 -0.32
N GLU B 150 7.10 -4.36 0.84
CA GLU B 150 6.04 -3.50 1.37
C GLU B 150 5.79 -2.33 0.41
N ILE B 151 6.88 -1.72 -0.11
CA ILE B 151 6.85 -0.62 -1.09
C ILE B 151 6.27 -1.10 -2.44
N TYR B 152 6.77 -2.24 -2.96
CA TYR B 152 6.32 -2.83 -4.22
C TYR B 152 4.82 -3.19 -4.22
N ALA B 153 4.35 -3.87 -3.16
CA ALA B 153 2.95 -4.29 -3.03
C ALA B 153 1.99 -3.10 -2.88
N GLU B 154 2.49 -1.95 -2.40
CA GLU B 154 1.68 -0.73 -2.28
C GLU B 154 1.55 -0.04 -3.64
N LYS B 155 2.61 -0.10 -4.48
CA LYS B 155 2.61 0.53 -5.80
C LYS B 155 2.06 -0.35 -6.92
N ASN B 156 2.17 -1.68 -6.78
CA ASN B 156 1.78 -2.62 -7.84
C ASN B 156 0.68 -3.63 -7.47
N PHE B 157 0.40 -3.88 -6.18
CA PHE B 157 -0.65 -4.83 -5.80
C PHE B 157 -1.85 -4.10 -5.16
N ALA B 158 -2.36 -3.04 -5.81
CA ALA B 158 -3.49 -2.27 -5.31
C ALA B 158 -4.69 -3.18 -5.13
N GLY B 159 -5.34 -3.03 -3.98
CA GLY B 159 -6.50 -3.84 -3.63
C GLY B 159 -6.17 -5.05 -2.78
N THR B 160 -4.93 -5.58 -2.88
CA THR B 160 -4.53 -6.75 -2.08
C THR B 160 -4.37 -6.24 -0.65
N ASP B 161 -5.12 -6.81 0.30
CA ASP B 161 -5.04 -6.42 1.71
C ASP B 161 -3.65 -6.76 2.22
N LEU B 162 -2.86 -5.72 2.58
CA LEU B 162 -1.50 -5.89 3.07
C LEU B 162 -1.47 -6.03 4.58
N VAL B 163 -0.94 -7.18 5.04
CA VAL B 163 -0.83 -7.51 6.45
C VAL B 163 0.62 -7.33 6.85
N LYS B 164 0.90 -6.32 7.67
CA LYS B 164 2.26 -5.99 8.13
C LYS B 164 2.73 -6.89 9.25
N PHE B 165 3.96 -7.38 9.12
CA PHE B 165 4.57 -8.25 10.12
C PHE B 165 5.92 -7.67 10.57
N PRO B 166 6.34 -7.88 11.84
CA PRO B 166 7.66 -7.36 12.26
C PRO B 166 8.82 -8.12 11.62
N ASP B 167 8.58 -9.40 11.23
CA ASP B 167 9.58 -10.30 10.67
C ASP B 167 8.97 -11.42 9.84
N ASN B 168 9.83 -12.21 9.19
CA ASN B 168 9.47 -13.36 8.36
C ASN B 168 8.84 -14.49 9.15
N ASN B 169 9.43 -14.88 10.29
CA ASN B 169 8.91 -15.98 11.11
C ASN B 169 7.45 -15.82 11.48
N SER B 170 7.04 -14.61 11.94
CA SER B 170 5.65 -14.34 12.30
C SER B 170 4.73 -14.39 11.05
N ALA B 171 5.23 -13.89 9.91
CA ALA B 171 4.52 -13.89 8.64
C ALA B 171 4.32 -15.31 8.11
N VAL B 172 5.35 -16.16 8.19
CA VAL B 172 5.29 -17.58 7.77
C VAL B 172 4.34 -18.36 8.69
N SER B 173 4.33 -18.06 10.00
CA SER B 173 3.41 -18.66 10.96
C SER B 173 1.95 -18.36 10.57
N ALA B 174 1.69 -17.10 10.16
CA ALA B 174 0.39 -16.61 9.70
C ALA B 174 -0.01 -17.30 8.39
N LEU B 175 0.96 -17.54 7.51
CA LEU B 175 0.76 -18.23 6.24
C LEU B 175 0.43 -19.72 6.48
N ASN B 176 1.17 -20.37 7.41
CA ASN B 176 0.99 -21.78 7.76
C ASN B 176 -0.34 -22.08 8.43
N ASN B 177 -0.82 -21.18 9.30
CA ASN B 177 -2.09 -21.44 9.98
C ASN B 177 -3.31 -20.85 9.21
N GLY B 178 -3.04 -20.07 8.15
CA GLY B 178 -4.10 -19.52 7.29
C GLY B 178 -4.56 -18.09 7.44
N THR B 179 -3.95 -17.32 8.38
CA THR B 179 -4.24 -15.88 8.66
C THR B 179 -4.13 -15.05 7.37
N VAL B 180 -3.14 -15.40 6.52
CA VAL B 180 -2.87 -14.80 5.21
C VAL B 180 -2.85 -15.91 4.13
N ASP B 181 -3.00 -15.50 2.87
CA ASP B 181 -2.98 -16.42 1.73
C ASP B 181 -1.59 -16.58 1.15
N ALA B 182 -0.75 -15.56 1.36
CA ALA B 182 0.62 -15.51 0.84
C ALA B 182 1.50 -14.59 1.66
N HIS B 183 2.82 -14.68 1.44
CA HIS B 183 3.80 -13.84 2.08
C HIS B 183 4.81 -13.41 1.03
N PHE B 184 5.12 -12.11 1.01
CA PHE B 184 6.01 -11.48 0.07
C PHE B 184 7.36 -11.25 0.76
N LEU B 185 8.41 -11.95 0.29
CA LEU B 185 9.74 -11.89 0.87
C LEU B 185 10.80 -12.14 -0.21
N ASP B 186 12.10 -12.12 0.15
CA ASP B 186 13.17 -12.34 -0.82
C ASP B 186 13.19 -13.78 -1.33
N PHE B 187 13.48 -13.96 -2.63
CA PHE B 187 13.48 -15.28 -3.29
C PHE B 187 14.16 -16.40 -2.50
N GLU B 188 15.41 -16.22 -2.08
CA GLU B 188 16.11 -17.29 -1.36
C GLU B 188 15.46 -17.67 -0.05
N ALA B 189 14.86 -16.70 0.64
CA ALA B 189 14.16 -16.94 1.91
C ALA B 189 12.83 -17.68 1.63
N ALA B 190 12.13 -17.30 0.55
CA ALA B 190 10.90 -17.96 0.11
C ALA B 190 11.24 -19.42 -0.24
N LYS B 191 12.37 -19.63 -0.95
CA LYS B 191 12.85 -20.94 -1.37
C LYS B 191 13.17 -21.81 -0.15
N ASP B 192 13.85 -21.22 0.87
CA ASP B 192 14.20 -21.90 2.11
C ASP B 192 12.94 -22.34 2.88
N TYR B 193 11.95 -21.42 3.07
CA TYR B 193 10.69 -21.77 3.74
C TYR B 193 9.92 -22.82 2.96
N SER B 194 9.97 -22.78 1.61
CA SER B 194 9.27 -23.78 0.78
C SER B 194 9.88 -25.19 0.96
N ALA B 195 11.16 -25.27 1.31
CA ALA B 195 11.85 -26.54 1.57
C ALA B 195 11.44 -27.03 2.94
N ARG B 196 11.37 -26.08 3.90
CA ARG B 196 11.00 -26.29 5.29
C ARG B 196 9.58 -26.83 5.30
N TYR B 197 8.59 -25.98 4.99
CA TYR B 197 7.19 -26.36 4.92
C TYR B 197 6.86 -26.73 3.46
N PRO B 198 6.90 -28.04 3.12
CA PRO B 198 6.68 -28.48 1.73
C PRO B 198 5.35 -28.07 1.07
N ALA B 199 4.31 -27.73 1.86
CA ALA B 199 3.02 -27.30 1.33
C ALA B 199 3.14 -25.94 0.64
N LEU B 200 4.09 -25.11 1.10
CA LEU B 200 4.34 -23.77 0.57
C LEU B 200 5.13 -23.83 -0.73
N LYS B 201 4.82 -22.88 -1.63
CA LYS B 201 5.44 -22.76 -2.93
C LYS B 201 5.48 -21.32 -3.39
N ILE B 202 6.47 -21.00 -4.25
CA ILE B 202 6.62 -19.66 -4.82
C ILE B 202 5.68 -19.57 -6.00
N ALA B 203 4.77 -18.59 -5.97
CA ALA B 203 3.78 -18.40 -7.03
C ALA B 203 4.17 -17.29 -7.98
N VAL B 204 4.80 -16.22 -7.47
CA VAL B 204 5.18 -15.05 -8.28
C VAL B 204 6.62 -14.63 -7.97
N ASN B 205 7.39 -14.31 -9.02
CA ASN B 205 8.73 -13.78 -8.92
C ASN B 205 8.75 -12.41 -9.58
N ILE B 206 9.14 -11.39 -8.80
CA ILE B 206 9.21 -10.01 -9.28
C ILE B 206 10.69 -9.60 -9.37
N PRO B 207 11.17 -9.08 -10.52
CA PRO B 207 12.59 -8.68 -10.60
C PRO B 207 12.95 -7.52 -9.69
N SER B 208 14.10 -7.64 -9.01
CA SER B 208 14.58 -6.62 -8.11
C SER B 208 16.07 -6.39 -8.36
N PHE B 209 16.47 -6.45 -9.64
CA PHE B 209 17.85 -6.27 -10.11
C PHE B 209 18.30 -4.81 -10.05
N ASP B 210 17.34 -3.86 -9.99
CA ASP B 210 17.57 -2.42 -9.88
C ASP B 210 17.89 -2.03 -8.41
N ALA B 211 17.75 -3.01 -7.48
CA ALA B 211 18.01 -2.83 -6.07
C ALA B 211 18.93 -3.96 -5.53
N PRO B 212 20.19 -4.10 -6.04
CA PRO B 212 21.07 -5.15 -5.50
C PRO B 212 21.38 -4.94 -4.02
N ALA B 213 21.68 -6.03 -3.30
CA ALA B 213 22.02 -5.95 -1.89
C ALA B 213 23.35 -5.22 -1.77
N GLY B 214 23.42 -4.33 -0.81
CA GLY B 214 24.64 -3.58 -0.52
C GLY B 214 24.82 -3.51 0.97
N PHE B 215 26.07 -3.36 1.44
CA PHE B 215 26.30 -3.22 2.87
C PHE B 215 25.98 -1.75 3.20
N VAL B 216 25.20 -1.53 4.25
CA VAL B 216 24.76 -0.20 4.67
C VAL B 216 25.77 0.38 5.64
N ILE B 217 26.21 1.62 5.38
CA ILE B 217 27.16 2.37 6.21
C ILE B 217 26.58 3.77 6.45
N ARG B 218 27.10 4.46 7.48
CA ARG B 218 26.66 5.78 7.86
C ARG B 218 26.97 6.80 6.76
N LYS B 219 26.02 7.73 6.53
CA LYS B 219 26.18 8.82 5.60
C LYS B 219 27.23 9.76 6.24
N GLY B 220 28.41 9.78 5.63
CA GLY B 220 29.56 10.56 6.08
C GLY B 220 30.85 9.78 6.16
N ASN B 221 30.77 8.44 6.08
CA ASN B 221 31.89 7.53 6.19
C ASN B 221 32.32 6.92 4.84
N ASP B 222 33.03 7.73 4.02
CA ASP B 222 33.60 7.35 2.73
C ASP B 222 34.72 6.32 2.87
N ALA B 223 35.47 6.39 3.99
CA ALA B 223 36.58 5.48 4.30
C ALA B 223 36.11 4.04 4.43
N LEU B 224 35.06 3.79 5.23
CA LEU B 224 34.51 2.45 5.42
C LEU B 224 33.87 1.94 4.12
N ARG B 225 33.17 2.82 3.38
CA ARG B 225 32.50 2.51 2.10
C ARG B 225 33.52 2.04 1.04
N ASN B 226 34.60 2.85 0.84
CA ASN B 226 35.65 2.54 -0.13
C ASN B 226 36.39 1.26 0.23
N ALA B 227 36.62 1.02 1.54
CA ALA B 227 37.31 -0.17 2.04
C ALA B 227 36.50 -1.43 1.80
N LEU B 228 35.17 -1.39 2.08
CA LEU B 228 34.26 -2.52 1.84
C LEU B 228 34.19 -2.82 0.36
N ASP B 229 34.02 -1.77 -0.51
CA ASP B 229 34.00 -1.87 -1.99
C ASP B 229 35.23 -2.61 -2.53
N LYS B 230 36.42 -2.32 -1.97
CA LYS B 230 37.68 -2.96 -2.37
C LYS B 230 37.65 -4.46 -2.01
N GLY B 231 37.27 -4.75 -0.77
CA GLY B 231 37.14 -6.11 -0.24
C GLY B 231 36.15 -6.95 -1.04
N LEU B 232 35.01 -6.33 -1.44
CA LEU B 232 33.98 -6.97 -2.26
C LEU B 232 34.48 -7.32 -3.65
N LYS B 233 35.14 -6.35 -4.31
CA LYS B 233 35.70 -6.52 -5.65
C LYS B 233 36.75 -7.64 -5.65
N GLU B 234 37.55 -7.73 -4.57
CA GLU B 234 38.58 -8.75 -4.39
C GLU B 234 37.98 -10.14 -4.24
N ALA B 235 36.94 -10.28 -3.39
CA ALA B 235 36.20 -11.51 -3.11
C ALA B 235 35.51 -12.06 -4.36
N MET B 236 35.01 -11.15 -5.22
CA MET B 236 34.38 -11.54 -6.48
C MET B 236 35.45 -12.00 -7.47
N GLN B 237 36.57 -11.24 -7.57
CA GLN B 237 37.66 -11.55 -8.48
C GLN B 237 38.40 -12.85 -8.15
N ASP B 238 38.54 -13.22 -6.85
CA ASP B 238 39.27 -14.45 -6.52
C ASP B 238 38.36 -15.70 -6.38
N GLY B 239 37.07 -15.54 -6.70
CA GLY B 239 36.11 -16.64 -6.67
C GLY B 239 35.50 -16.95 -5.32
N THR B 240 35.81 -16.11 -4.30
CA THR B 240 35.26 -16.27 -2.95
C THR B 240 33.75 -16.08 -2.95
N TRP B 241 33.28 -15.04 -3.69
CA TRP B 241 31.86 -14.72 -3.83
C TRP B 241 31.15 -15.93 -4.46
N LYS B 242 31.74 -16.50 -5.52
CA LYS B 242 31.22 -17.66 -6.25
C LYS B 242 31.05 -18.84 -5.27
N LYS B 243 32.09 -19.13 -4.48
CA LYS B 243 32.08 -20.22 -3.48
C LYS B 243 30.97 -20.06 -2.46
N LEU B 244 30.81 -18.86 -1.85
CA LEU B 244 29.73 -18.60 -0.89
C LEU B 244 28.36 -18.69 -1.54
N HIS B 245 28.24 -18.17 -2.79
CA HIS B 245 26.98 -18.21 -3.53
C HIS B 245 26.55 -19.67 -3.79
N GLU B 246 27.51 -20.52 -4.20
CA GLU B 246 27.28 -21.95 -4.45
C GLU B 246 26.83 -22.66 -3.17
N LYS B 247 27.46 -22.30 -2.03
CA LYS B 247 27.11 -22.87 -0.74
C LYS B 247 25.69 -22.50 -0.29
N TRP B 248 25.37 -21.20 -0.23
CA TRP B 248 24.11 -20.72 0.33
C TRP B 248 22.93 -20.72 -0.62
N PHE B 249 23.17 -20.54 -1.92
CA PHE B 249 22.07 -20.49 -2.88
C PHE B 249 22.24 -21.58 -3.94
N PRO B 250 22.21 -22.89 -3.60
CA PRO B 250 22.39 -23.91 -4.65
C PRO B 250 21.30 -23.86 -5.69
N GLY B 251 21.70 -23.89 -6.95
CA GLY B 251 20.79 -23.81 -8.08
C GLY B 251 20.46 -22.41 -8.56
N THR B 252 20.91 -21.36 -7.85
CA THR B 252 20.65 -19.98 -8.28
C THR B 252 21.70 -19.49 -9.29
N PRO B 253 21.29 -18.89 -10.44
CA PRO B 253 22.28 -18.38 -11.40
C PRO B 253 23.17 -17.27 -10.83
N MET B 254 24.44 -17.22 -11.24
CA MET B 254 25.39 -16.20 -10.80
C MET B 254 25.77 -15.35 -12.03
N PRO B 255 25.59 -14.01 -12.02
CA PRO B 255 25.93 -13.24 -13.22
C PRO B 255 27.43 -13.01 -13.32
N ALA B 256 27.91 -12.78 -14.55
CA ALA B 256 29.32 -12.55 -14.87
C ALA B 256 29.91 -11.39 -14.07
N ALA B 257 29.08 -10.35 -13.79
CA ALA B 257 29.43 -9.14 -13.02
C ALA B 257 30.05 -9.43 -11.65
N TYR B 258 29.58 -10.48 -10.97
CA TYR B 258 30.07 -10.83 -9.62
C TYR B 258 31.01 -12.04 -9.60
N LEU B 259 31.38 -12.55 -10.79
CA LEU B 259 32.28 -13.68 -10.98
C LEU B 259 33.67 -13.23 -11.45
N PRO B 260 34.73 -14.07 -11.32
CA PRO B 260 36.07 -13.63 -11.77
C PRO B 260 36.12 -13.24 -13.25
N LYS B 261 36.96 -12.26 -13.58
CA LYS B 261 37.19 -11.80 -14.96
C LYS B 261 37.84 -12.97 -15.74
N GLN B 262 38.86 -13.60 -15.12
CA GLN B 262 39.62 -14.75 -15.64
C GLN B 262 40.34 -15.45 -14.48
OAN GOP C . -18.51 9.30 -7.52
CAM GOP C . -19.35 8.34 -8.18
CAL GOP C . -19.94 8.72 -9.56
OAT GOP C . -20.98 7.78 -9.86
CAK GOP C . -20.37 10.20 -9.81
OAS GOP C . -20.48 10.38 -11.23
CAJ GOP C . -21.56 10.87 -9.08
OAR GOP C . -21.81 12.22 -9.57
CAI GOP C . -21.29 10.96 -7.57
OAQ GOP C . -20.04 11.62 -7.27
CAH GOP C . -22.44 11.58 -6.78
N GOP C . -22.29 11.25 -5.36
CA GOP C . -23.35 11.85 -4.53
C GOP C . -23.01 13.30 -4.25
O GOP C . -23.90 13.92 -3.63
CB GOP C . -23.56 11.06 -3.24
CG GOP C . -22.29 11.06 -2.37
CD GOP C . -22.42 10.13 -1.13
OE1 GOP C . -21.38 9.75 -0.59
NE2 GOP C . -23.65 9.80 -0.69
OXT GOP C . -21.88 13.75 -4.61
C1 EDO D . -32.58 8.58 -17.08
O1 EDO D . -32.83 7.19 -17.13
C2 EDO D . -33.90 9.37 -17.27
O2 EDO D . -34.81 9.04 -16.24
C1 EDO E . -12.58 20.63 -13.47
O1 EDO E . -11.53 21.08 -14.32
C2 EDO E . -13.91 20.60 -14.26
O2 EDO E . -14.93 20.09 -13.42
C1 EDO F . -18.83 22.02 10.17
O1 EDO F . -17.91 22.22 11.23
C2 EDO F . -19.56 20.68 10.38
O2 EDO F . -20.04 20.18 9.14
C1 EDO G . -15.39 -6.87 -2.75
O1 EDO G . -14.30 -6.08 -2.32
C2 EDO G . -16.31 -6.03 -3.67
O2 EDO G . -17.38 -6.81 -4.15
C1 EDO H . -15.63 5.58 -13.42
O1 EDO H . -15.24 6.70 -14.15
C2 EDO H . -15.69 4.36 -14.31
O2 EDO H . -16.44 3.37 -13.71
C1 EDO I . -21.31 -0.15 7.16
O1 EDO I . -22.33 0.57 7.87
C2 EDO I . -21.94 -0.91 5.96
O2 EDO I . -22.76 -0.04 5.18
CA CA J . -37.18 10.97 7.86
OAN GOP K . 19.76 -9.19 -1.83
CAM GOP K . 18.87 -10.06 -2.53
CAL GOP K . 18.52 -9.61 -3.98
OAT GOP K . 17.63 -10.61 -4.53
CAK GOP K . 18.04 -8.15 -4.22
OAS GOP K . 17.96 -7.96 -5.63
CAJ GOP K . 16.74 -7.60 -3.58
OAR GOP K . 16.46 -6.28 -4.11
CAI GOP K . 16.82 -7.52 -2.04
OAQ GOP K . 17.99 -6.82 -1.59
CAH GOP K . 15.57 -6.97 -1.37
N GOP K . 15.59 -7.27 0.07
CA GOP K . 14.45 -6.76 0.84
C GOP K . 14.73 -5.28 1.17
O GOP K . 13.77 -4.70 1.68
CB GOP K . 14.18 -7.58 2.11
CG GOP K . 15.32 -7.47 3.14
CD GOP K . 15.24 -8.45 4.33
OE1 GOP K . 16.29 -8.75 4.91
NE2 GOP K . 14.04 -8.91 4.70
OXT GOP K . 15.88 -4.80 0.94
C1 EDO L . 24.38 -21.83 -7.50
O1 EDO L . 24.52 -20.72 -6.64
C2 EDO L . 25.11 -23.03 -6.95
O2 EDO L . 24.41 -24.16 -7.35
C1 EDO M . 42.90 -3.37 11.17
O1 EDO M . 42.71 -2.04 10.71
C2 EDO M . 42.46 -3.49 12.65
O2 EDO M . 42.46 -4.85 13.05
C1 EDO N . 23.48 -12.54 -7.69
O1 EDO N . 23.34 -11.28 -8.30
C2 EDO N . 22.88 -13.58 -8.64
O2 EDO N . 22.53 -14.74 -7.93
C1 EDO O . 44.62 0.33 20.86
O1 EDO O . 44.65 -1.03 20.47
C2 EDO O . 43.21 0.92 20.65
O2 EDO O . 42.99 1.17 19.27
CA CA P . 27.01 -13.98 16.28
#